data_8RU3
#
_entry.id   8RU3
#
_cell.length_a   49.526
_cell.length_b   91.255
_cell.length_c   112.984
_cell.angle_alpha   90
_cell.angle_beta   90
_cell.angle_gamma   90
#
_symmetry.space_group_name_H-M   'P 21 21 21'
#
loop_
_entity.id
_entity.type
_entity.pdbx_description
1 polymer 'Catenin beta-1'
2 polymer Axin-1
3 non-polymer 'CHLORIDE ION'
4 water water
#
loop_
_entity_poly.entity_id
_entity_poly.type
_entity_poly.pdbx_seq_one_letter_code
_entity_poly.pdbx_strand_id
1 'polypeptide(L)'
;GPHAVVNLINYQDDAELATRAIPELTKLLNDEDQVVVNKAAVMVHQLSKKEASRHAIMRSPQMVSAIVRTMQNTNDVETA
RCTAGTLHNLSHHREGLLAIFKSGGIPALVKMLGSPVDSVLFYAITTLHNLLLHQEGAKMAVRLAGGLQKMVALLNKTNV
KFLAITTDCLQILAYGNQESKLIILASGGPQALVNIMRTYTYEKLLWTTSRVLKVLSVCSSNKPAIVEAGGMQALGLHLT
DPSQRLVQNCLWTLRNLSDAATKQEGMEGLLGTLVQLLGSDDINVVTCAAGILSNLTCNNYKNKMMVCQVGGIEALVRTV
LRAGDREDITEPAICALRHLTSRHQEAEMAQNAVRLHYGLPVVVKLLHPPSHWPLIKATVGLIRNLALCPANHAPLREQG
AIPRLVQLLVRAHQDTQRRTSMGGTQQQFVEGVRMEEIVEGCTGALHILARDVHNRIVIRGLNTIPLFVQLLYSPIENIQ
RVAAGVLCELAQDKEAAEAIEAEGATAPLTELLHSRNEGVATYAAAVLFRMSED
;
A
2 'polypeptide(L)' (ACE)ESILDEHLQRVW(NH2) P
#
# COMPACT_ATOMS: atom_id res chain seq x y z
N GLU A 16 0.58 -15.61 -56.91
CA GLU A 16 1.66 -15.18 -55.99
C GLU A 16 2.45 -14.05 -56.64
N LEU A 17 1.85 -12.85 -56.63
CA LEU A 17 2.44 -11.66 -57.24
C LEU A 17 3.63 -11.18 -56.42
N ALA A 18 3.73 -11.65 -55.17
CA ALA A 18 4.81 -11.31 -54.25
C ALA A 18 6.13 -12.01 -54.63
N THR A 19 6.12 -12.79 -55.72
CA THR A 19 7.33 -13.45 -56.22
C THR A 19 8.37 -12.41 -56.63
N ARG A 20 7.92 -11.34 -57.31
CA ARG A 20 8.81 -10.31 -57.80
C ARG A 20 8.37 -8.91 -57.34
N ALA A 21 7.23 -8.81 -56.63
CA ALA A 21 6.77 -7.52 -56.12
C ALA A 21 7.54 -7.15 -54.85
N ILE A 22 7.62 -8.08 -53.90
CA ILE A 22 8.26 -7.84 -52.61
C ILE A 22 9.77 -7.62 -52.82
N PRO A 23 10.50 -8.53 -53.52
CA PRO A 23 11.94 -8.38 -53.69
C PRO A 23 12.36 -7.08 -54.36
N GLU A 24 11.64 -6.70 -55.42
CA GLU A 24 11.93 -5.48 -56.16
C GLU A 24 11.64 -4.25 -55.29
N LEU A 25 10.53 -4.29 -54.55
CA LEU A 25 10.17 -3.20 -53.64
C LEU A 25 11.20 -3.06 -52.52
N THR A 26 11.75 -4.19 -52.06
CA THR A 26 12.80 -4.17 -51.05
C THR A 26 13.99 -3.39 -51.59
N LYS A 27 14.37 -3.64 -52.85
CA LYS A 27 15.49 -2.98 -53.48
C LYS A 27 15.25 -1.48 -53.60
N LEU A 28 14.00 -1.10 -53.91
CA LEU A 28 13.64 0.30 -54.06
C LEU A 28 13.78 1.05 -52.73
N LEU A 29 13.38 0.41 -51.63
CA LEU A 29 13.57 0.95 -50.29
C LEU A 29 15.04 1.11 -49.97
N ASN A 30 15.87 0.19 -50.50
CA ASN A 30 17.31 0.17 -50.25
C ASN A 30 18.05 1.13 -51.20
N ASP A 31 17.34 1.69 -52.18
CA ASP A 31 17.94 2.57 -53.18
C ASP A 31 18.55 3.81 -52.52
N GLU A 32 19.57 4.38 -53.18
CA GLU A 32 20.27 5.55 -52.67
C GLU A 32 19.47 6.84 -52.95
N ASP A 33 18.57 6.79 -53.93
CA ASP A 33 17.74 7.95 -54.27
C ASP A 33 16.52 7.99 -53.36
N GLN A 34 16.42 9.06 -52.56
CA GLN A 34 15.36 9.26 -51.58
C GLN A 34 13.98 9.22 -52.21
N VAL A 35 13.86 9.78 -53.42
CA VAL A 35 12.59 9.87 -54.13
C VAL A 35 12.10 8.47 -54.50
N VAL A 36 13.04 7.57 -54.82
CA VAL A 36 12.72 6.18 -55.13
C VAL A 36 12.23 5.48 -53.87
N VAL A 37 13.00 5.64 -52.78
CA VAL A 37 12.68 5.05 -51.49
C VAL A 37 11.29 5.50 -51.04
N ASN A 38 11.01 6.80 -51.22
CA ASN A 38 9.75 7.40 -50.84
C ASN A 38 8.58 6.71 -51.56
N LYS A 39 8.73 6.49 -52.87
CA LYS A 39 7.71 5.85 -53.67
C LYS A 39 7.49 4.41 -53.22
N ALA A 40 8.57 3.72 -52.84
CA ALA A 40 8.49 2.36 -52.33
C ALA A 40 7.75 2.32 -51.00
N ALA A 41 8.03 3.31 -50.13
CA ALA A 41 7.48 3.37 -48.79
C ALA A 41 5.96 3.50 -48.83
N VAL A 42 5.46 4.39 -49.69
CA VAL A 42 4.04 4.65 -49.79
C VAL A 42 3.33 3.40 -50.31
N MET A 43 3.97 2.71 -51.27
CA MET A 43 3.39 1.51 -51.88
C MET A 43 3.35 0.38 -50.86
N VAL A 44 4.50 0.11 -50.22
CA VAL A 44 4.59 -0.90 -49.18
C VAL A 44 3.57 -0.61 -48.08
N HIS A 45 3.40 0.66 -47.71
CA HIS A 45 2.45 1.05 -46.69
C HIS A 45 1.03 0.67 -47.09
N GLN A 46 0.69 0.85 -48.37
CA GLN A 46 -0.63 0.47 -48.86
C GLN A 46 -0.76 -1.06 -48.86
N LEU A 47 0.31 -1.76 -49.24
CA LEU A 47 0.33 -3.22 -49.26
C LEU A 47 0.12 -3.80 -47.85
N SER A 48 0.40 -3.01 -46.81
CA SER A 48 0.28 -3.46 -45.42
C SER A 48 -1.13 -3.28 -44.87
N LYS A 49 -2.10 -2.97 -45.75
CA LYS A 49 -3.47 -2.70 -45.31
C LYS A 49 -4.43 -3.83 -45.69
N LYS A 50 -3.93 -4.86 -46.38
CA LYS A 50 -4.74 -5.99 -46.82
C LYS A 50 -4.13 -7.31 -46.36
N GLU A 51 -4.98 -8.21 -45.84
CA GLU A 51 -4.58 -9.50 -45.29
C GLU A 51 -3.64 -10.24 -46.24
N ALA A 52 -3.96 -10.21 -47.54
CA ALA A 52 -3.23 -10.95 -48.55
C ALA A 52 -1.79 -10.42 -48.68
N SER A 53 -1.65 -9.12 -48.95
CA SER A 53 -0.37 -8.50 -49.23
C SER A 53 0.43 -8.25 -47.94
N ARG A 54 -0.28 -7.99 -46.83
CA ARG A 54 0.36 -7.76 -45.55
C ARG A 54 1.09 -9.03 -45.08
N HIS A 55 0.48 -10.19 -45.35
N HIS A 55 0.49 -10.21 -45.34
CA HIS A 55 1.07 -11.49 -45.04
CA HIS A 55 1.11 -11.48 -45.01
C HIS A 55 2.39 -11.68 -45.78
C HIS A 55 2.41 -11.66 -45.77
N ALA A 56 2.44 -11.19 -47.03
CA ALA A 56 3.62 -11.32 -47.88
C ALA A 56 4.78 -10.47 -47.39
N ILE A 57 4.47 -9.37 -46.68
CA ILE A 57 5.49 -8.54 -46.06
C ILE A 57 6.04 -9.25 -44.82
N MET A 58 5.15 -9.87 -44.04
CA MET A 58 5.54 -10.57 -42.81
C MET A 58 6.46 -11.74 -43.10
N ARG A 59 6.32 -12.37 -44.26
CA ARG A 59 7.11 -13.54 -44.63
C ARG A 59 8.47 -13.15 -45.22
N SER A 60 8.77 -11.84 -45.28
CA SER A 60 9.99 -11.35 -45.92
C SER A 60 10.83 -10.53 -44.93
N PRO A 61 11.72 -11.16 -44.13
CA PRO A 61 12.59 -10.41 -43.22
C PRO A 61 13.42 -9.31 -43.88
N GLN A 62 13.83 -9.54 -45.12
CA GLN A 62 14.60 -8.57 -45.87
C GLN A 62 13.78 -7.30 -46.04
N MET A 63 12.49 -7.48 -46.38
CA MET A 63 11.56 -6.37 -46.54
C MET A 63 11.43 -5.62 -45.21
N VAL A 64 11.21 -6.37 -44.13
CA VAL A 64 11.01 -5.79 -42.82
C VAL A 64 12.27 -5.03 -42.40
N SER A 65 13.44 -5.64 -42.64
CA SER A 65 14.73 -5.01 -42.37
C SER A 65 14.85 -3.67 -43.09
N ALA A 66 14.42 -3.64 -44.37
CA ALA A 66 14.49 -2.44 -45.17
C ALA A 66 13.60 -1.34 -44.58
N ILE A 67 12.40 -1.72 -44.13
CA ILE A 67 11.45 -0.78 -43.57
C ILE A 67 12.05 -0.17 -42.30
N VAL A 68 12.61 -1.03 -41.44
CA VAL A 68 13.16 -0.61 -40.17
C VAL A 68 14.29 0.39 -40.41
N ARG A 69 15.21 0.05 -41.32
CA ARG A 69 16.35 0.90 -41.62
C ARG A 69 15.90 2.23 -42.19
N THR A 70 15.03 2.18 -43.20
CA THR A 70 14.51 3.40 -43.84
C THR A 70 13.91 4.33 -42.79
N MET A 71 13.03 3.77 -41.95
CA MET A 71 12.27 4.53 -40.97
C MET A 71 13.19 5.40 -40.11
N GLN A 72 14.27 4.79 -39.60
CA GLN A 72 15.17 5.46 -38.67
C GLN A 72 16.19 6.34 -39.39
N ASN A 73 16.47 6.05 -40.66
CA ASN A 73 17.53 6.72 -41.40
C ASN A 73 16.99 7.92 -42.19
N THR A 74 15.77 7.79 -42.73
CA THR A 74 15.23 8.76 -43.67
C THR A 74 15.08 10.15 -43.01
N ASN A 75 15.17 11.19 -43.85
CA ASN A 75 14.82 12.55 -43.48
C ASN A 75 13.55 13.01 -44.20
N ASP A 76 12.92 12.08 -44.93
CA ASP A 76 11.63 12.32 -45.55
C ASP A 76 10.52 11.94 -44.55
N VAL A 77 9.69 12.92 -44.17
CA VAL A 77 8.69 12.72 -43.13
C VAL A 77 7.60 11.75 -43.60
N GLU A 78 7.18 11.86 -44.86
CA GLU A 78 6.16 10.96 -45.40
C GLU A 78 6.68 9.53 -45.37
N THR A 79 7.95 9.35 -45.74
CA THR A 79 8.60 8.05 -45.73
C THR A 79 8.62 7.51 -44.30
N ALA A 80 9.08 8.34 -43.35
CA ALA A 80 9.10 7.97 -41.94
C ALA A 80 7.71 7.55 -41.47
N ARG A 81 6.69 8.31 -41.89
CA ARG A 81 5.32 8.03 -41.51
C ARG A 81 4.87 6.69 -42.10
N CYS A 82 5.17 6.47 -43.39
CA CYS A 82 4.71 5.30 -44.12
C CYS A 82 5.40 4.02 -43.64
N THR A 83 6.70 4.13 -43.33
CA THR A 83 7.47 3.01 -42.81
C THR A 83 7.01 2.65 -41.40
N ALA A 84 6.78 3.68 -40.57
CA ALA A 84 6.32 3.51 -39.20
C ALA A 84 4.92 2.90 -39.16
N GLY A 85 4.04 3.39 -40.04
CA GLY A 85 2.67 2.90 -40.13
C GLY A 85 2.61 1.45 -40.60
N THR A 86 3.56 1.08 -41.46
CA THR A 86 3.67 -0.28 -41.98
C THR A 86 3.99 -1.23 -40.83
N LEU A 87 5.02 -0.91 -40.03
CA LEU A 87 5.40 -1.70 -38.88
C LEU A 87 4.21 -1.82 -37.92
N HIS A 88 3.53 -0.69 -37.70
CA HIS A 88 2.34 -0.62 -36.87
C HIS A 88 1.28 -1.62 -37.34
N ASN A 89 1.07 -1.72 -38.65
CA ASN A 89 0.07 -2.63 -39.21
C ASN A 89 0.49 -4.09 -39.07
N LEU A 90 1.81 -4.34 -39.14
CA LEU A 90 2.35 -5.67 -38.94
C LEU A 90 2.17 -6.14 -37.50
N SER A 91 2.20 -5.18 -36.56
CA SER A 91 2.21 -5.48 -35.13
C SER A 91 0.86 -5.97 -34.61
N HIS A 92 -0.15 -6.03 -35.48
CA HIS A 92 -1.47 -6.53 -35.10
C HIS A 92 -1.53 -8.06 -35.14
N HIS A 93 -0.47 -8.71 -35.64
CA HIS A 93 -0.47 -10.16 -35.84
C HIS A 93 0.78 -10.78 -35.23
N ARG A 94 0.69 -12.07 -34.88
CA ARG A 94 1.78 -12.81 -34.25
C ARG A 94 3.02 -12.81 -35.15
N GLU A 95 2.82 -13.14 -36.44
CA GLU A 95 3.91 -13.23 -37.40
C GLU A 95 4.63 -11.88 -37.54
N GLY A 96 3.85 -10.79 -37.63
CA GLY A 96 4.39 -9.45 -37.80
C GLY A 96 5.18 -8.97 -36.58
N LEU A 97 4.66 -9.25 -35.39
CA LEU A 97 5.34 -8.94 -34.14
C LEU A 97 6.72 -9.59 -34.11
N LEU A 98 6.78 -10.88 -34.49
CA LEU A 98 8.01 -11.65 -34.48
C LEU A 98 8.97 -11.15 -35.56
N ALA A 99 8.41 -10.76 -36.70
CA ALA A 99 9.20 -10.20 -37.80
C ALA A 99 9.87 -8.90 -37.37
N ILE A 100 9.09 -8.02 -36.72
CA ILE A 100 9.57 -6.75 -36.22
C ILE A 100 10.70 -7.00 -35.21
N PHE A 101 10.42 -7.89 -34.25
CA PHE A 101 11.35 -8.23 -33.19
C PHE A 101 12.70 -8.64 -33.78
N LYS A 102 12.66 -9.59 -34.73
CA LYS A 102 13.86 -10.24 -35.23
C LYS A 102 14.66 -9.34 -36.17
N SER A 103 14.03 -8.31 -36.74
CA SER A 103 14.69 -7.40 -37.68
C SER A 103 15.34 -6.22 -36.97
N GLY A 104 15.39 -6.25 -35.62
CA GLY A 104 15.90 -5.14 -34.84
C GLY A 104 14.93 -3.95 -34.88
N GLY A 105 13.64 -4.23 -34.79
CA GLY A 105 12.61 -3.19 -34.85
C GLY A 105 12.57 -2.34 -33.58
N ILE A 106 12.81 -2.95 -32.42
CA ILE A 106 12.57 -2.31 -31.13
C ILE A 106 13.52 -1.12 -30.93
N PRO A 107 14.85 -1.28 -31.11
CA PRO A 107 15.76 -0.13 -30.97
C PRO A 107 15.40 1.02 -31.90
N ALA A 108 15.01 0.69 -33.13
CA ALA A 108 14.58 1.68 -34.11
C ALA A 108 13.32 2.38 -33.62
N LEU A 109 12.33 1.59 -33.17
CA LEU A 109 11.07 2.11 -32.67
C LEU A 109 11.31 3.03 -31.48
N VAL A 110 12.22 2.62 -30.58
CA VAL A 110 12.60 3.41 -29.42
C VAL A 110 13.20 4.73 -29.89
N LYS A 111 14.07 4.67 -30.91
CA LYS A 111 14.71 5.86 -31.47
C LYS A 111 13.66 6.86 -31.96
N MET A 112 12.58 6.35 -32.57
CA MET A 112 11.57 7.21 -33.18
C MET A 112 10.71 7.92 -32.14
N LEU A 113 10.87 7.56 -30.86
CA LEU A 113 10.18 8.23 -29.77
C LEU A 113 10.69 9.66 -29.60
N GLY A 114 11.83 9.99 -30.23
CA GLY A 114 12.35 11.34 -30.24
C GLY A 114 11.84 12.16 -31.41
N SER A 115 10.90 11.60 -32.20
CA SER A 115 10.44 12.23 -33.42
C SER A 115 9.57 13.45 -33.10
N PRO A 116 9.76 14.59 -33.80
CA PRO A 116 8.86 15.74 -33.66
C PRO A 116 7.54 15.61 -34.44
N VAL A 117 7.45 14.57 -35.27
CA VAL A 117 6.22 14.27 -36.00
C VAL A 117 5.33 13.42 -35.10
N ASP A 118 4.09 13.88 -34.88
CA ASP A 118 3.18 13.22 -33.96
C ASP A 118 2.76 11.86 -34.48
N SER A 119 2.46 11.75 -35.78
CA SER A 119 2.03 10.49 -36.37
C SER A 119 3.11 9.41 -36.23
N VAL A 120 4.37 9.80 -36.42
CA VAL A 120 5.49 8.89 -36.30
C VAL A 120 5.64 8.46 -34.85
N LEU A 121 5.58 9.42 -33.92
CA LEU A 121 5.65 9.18 -32.49
C LEU A 121 4.55 8.23 -32.04
N PHE A 122 3.33 8.44 -32.56
CA PHE A 122 2.16 7.65 -32.16
C PHE A 122 2.24 6.24 -32.73
N TYR A 123 2.74 6.08 -33.96
CA TYR A 123 2.95 4.77 -34.53
C TYR A 123 3.97 4.01 -33.68
N ALA A 124 5.01 4.71 -33.22
CA ALA A 124 6.11 4.09 -32.48
C ALA A 124 5.63 3.54 -31.14
N ILE A 125 4.89 4.35 -30.37
CA ILE A 125 4.47 3.96 -29.03
C ILE A 125 3.44 2.84 -29.12
N THR A 126 2.52 2.93 -30.09
CA THR A 126 1.47 1.94 -30.25
C THR A 126 2.09 0.59 -30.62
N THR A 127 3.06 0.62 -31.55
CA THR A 127 3.74 -0.59 -31.98
C THR A 127 4.54 -1.19 -30.82
N LEU A 128 5.24 -0.33 -30.06
CA LEU A 128 6.00 -0.78 -28.90
C LEU A 128 5.08 -1.38 -27.85
N HIS A 129 3.92 -0.75 -27.66
CA HIS A 129 2.93 -1.24 -26.71
C HIS A 129 2.48 -2.65 -27.08
N ASN A 130 2.16 -2.85 -28.35
CA ASN A 130 1.71 -4.15 -28.86
C ASN A 130 2.80 -5.21 -28.64
N LEU A 131 4.05 -4.85 -28.92
CA LEU A 131 5.19 -5.73 -28.72
C LEU A 131 5.32 -6.13 -27.25
N LEU A 132 5.18 -5.14 -26.35
CA LEU A 132 5.28 -5.37 -24.92
C LEU A 132 4.14 -6.27 -24.43
N LEU A 133 2.97 -6.16 -25.06
CA LEU A 133 1.77 -6.90 -24.64
C LEU A 133 1.84 -8.36 -25.09
N HIS A 134 2.44 -8.63 -26.26
CA HIS A 134 2.23 -9.89 -26.94
C HIS A 134 3.51 -10.63 -27.34
N GLN A 135 4.64 -9.93 -27.47
CA GLN A 135 5.86 -10.54 -27.97
C GLN A 135 6.83 -10.83 -26.84
N GLU A 136 7.36 -12.06 -26.79
CA GLU A 136 8.34 -12.46 -25.80
C GLU A 136 9.72 -11.91 -26.18
N GLY A 137 10.49 -11.53 -25.15
CA GLY A 137 11.78 -10.91 -25.33
C GLY A 137 11.68 -9.39 -25.53
N ALA A 138 10.45 -8.89 -25.68
CA ALA A 138 10.21 -7.49 -26.00
C ALA A 138 10.55 -6.58 -24.83
N LYS A 139 10.19 -7.01 -23.61
CA LYS A 139 10.45 -6.23 -22.41
C LYS A 139 11.94 -5.99 -22.25
N MET A 140 12.73 -7.07 -22.28
CA MET A 140 14.17 -6.97 -22.10
C MET A 140 14.81 -6.20 -23.25
N ALA A 141 14.24 -6.33 -24.46
CA ALA A 141 14.74 -5.63 -25.63
C ALA A 141 14.55 -4.12 -25.48
N VAL A 142 13.35 -3.71 -25.05
CA VAL A 142 13.02 -2.30 -24.86
C VAL A 142 13.90 -1.71 -23.76
N ARG A 143 14.03 -2.44 -22.65
CA ARG A 143 14.88 -2.04 -21.54
C ARG A 143 16.29 -1.75 -22.04
N LEU A 144 16.84 -2.71 -22.78
CA LEU A 144 18.22 -2.67 -23.25
C LEU A 144 18.45 -1.54 -24.25
N ALA A 145 17.40 -1.16 -24.99
CA ALA A 145 17.48 -0.11 -26.00
C ALA A 145 17.22 1.27 -25.40
N GLY A 146 17.13 1.37 -24.07
CA GLY A 146 16.99 2.64 -23.39
C GLY A 146 15.57 3.20 -23.49
N GLY A 147 14.57 2.31 -23.50
CA GLY A 147 13.18 2.70 -23.71
C GLY A 147 12.60 3.43 -22.50
N LEU A 148 13.01 3.02 -21.30
CA LEU A 148 12.44 3.53 -20.06
C LEU A 148 12.68 5.03 -19.92
N GLN A 149 13.94 5.45 -20.14
CA GLN A 149 14.31 6.85 -20.05
C GLN A 149 13.47 7.67 -21.02
N LYS A 150 13.40 7.21 -22.28
CA LYS A 150 12.61 7.84 -23.31
C LYS A 150 11.17 8.03 -22.85
N MET A 151 10.55 6.94 -22.40
CA MET A 151 9.13 6.91 -22.07
C MET A 151 8.82 7.85 -20.91
N VAL A 152 9.71 7.91 -19.92
CA VAL A 152 9.54 8.80 -18.78
C VAL A 152 9.68 10.26 -19.23
N ALA A 153 10.57 10.53 -20.18
CA ALA A 153 10.77 11.88 -20.67
C ALA A 153 9.56 12.35 -21.49
N LEU A 154 8.78 11.40 -22.03
CA LEU A 154 7.60 11.69 -22.83
C LEU A 154 6.38 12.01 -21.97
N LEU A 155 6.47 11.80 -20.66
CA LEU A 155 5.35 12.00 -19.77
C LEU A 155 4.99 13.48 -19.64
N ASN A 156 5.80 14.37 -20.22
CA ASN A 156 5.50 15.80 -20.21
C ASN A 156 4.70 16.20 -21.46
N LYS A 157 4.34 15.23 -22.30
CA LYS A 157 3.42 15.46 -23.41
C LYS A 157 2.01 15.72 -22.87
N THR A 158 1.15 16.30 -23.72
CA THR A 158 -0.15 16.81 -23.31
C THR A 158 -1.30 15.94 -23.82
N ASN A 159 -1.04 15.11 -24.84
CA ASN A 159 -2.04 14.20 -25.38
C ASN A 159 -2.28 13.07 -24.37
N VAL A 160 -3.46 13.05 -23.76
CA VAL A 160 -3.75 12.14 -22.65
C VAL A 160 -3.92 10.69 -23.11
N LYS A 161 -4.38 10.49 -24.36
CA LYS A 161 -4.46 9.15 -24.93
C LYS A 161 -3.06 8.60 -25.18
N PHE A 162 -2.15 9.49 -25.59
CA PHE A 162 -0.75 9.14 -25.77
C PHE A 162 -0.13 8.76 -24.42
N LEU A 163 -0.43 9.55 -23.38
CA LEU A 163 0.09 9.33 -22.05
C LEU A 163 -0.42 8.00 -21.48
N ALA A 164 -1.68 7.65 -21.78
CA ALA A 164 -2.28 6.42 -21.31
C ALA A 164 -1.51 5.21 -21.85
N ILE A 165 -1.15 5.27 -23.14
CA ILE A 165 -0.42 4.20 -23.78
C ILE A 165 1.00 4.12 -23.21
N THR A 166 1.63 5.29 -23.01
CA THR A 166 2.99 5.38 -22.53
C THR A 166 3.06 4.84 -21.10
N THR A 167 2.14 5.28 -20.24
CA THR A 167 2.12 4.87 -18.85
C THR A 167 1.88 3.35 -18.75
N ASP A 168 1.08 2.79 -19.67
CA ASP A 168 0.83 1.36 -19.63
C ASP A 168 2.08 0.58 -20.06
N CYS A 169 2.86 1.15 -20.98
CA CYS A 169 4.14 0.57 -21.37
C CYS A 169 5.06 0.47 -20.15
N LEU A 170 5.15 1.57 -19.39
CA LEU A 170 5.98 1.63 -18.19
C LEU A 170 5.55 0.58 -17.17
N GLN A 171 4.23 0.39 -17.04
CA GLN A 171 3.68 -0.58 -16.11
C GLN A 171 4.15 -1.98 -16.49
N ILE A 172 4.09 -2.29 -17.80
CA ILE A 172 4.47 -3.60 -18.32
C ILE A 172 5.97 -3.82 -18.10
N LEU A 173 6.76 -2.75 -18.23
CA LEU A 173 8.20 -2.82 -18.09
C LEU A 173 8.60 -2.93 -16.62
N ALA A 174 7.95 -2.12 -15.77
CA ALA A 174 8.32 -1.99 -14.37
C ALA A 174 7.89 -3.21 -13.55
N TYR A 175 6.75 -3.81 -13.87
CA TYR A 175 6.15 -4.86 -13.07
C TYR A 175 7.14 -6.01 -12.84
N GLY A 176 7.47 -6.25 -11.56
CA GLY A 176 8.37 -7.32 -11.18
C GLY A 176 9.72 -7.20 -11.87
N ASN A 177 10.35 -6.03 -11.76
CA ASN A 177 11.65 -5.77 -12.36
C ASN A 177 12.28 -4.57 -11.70
N GLN A 178 13.22 -4.82 -10.78
CA GLN A 178 13.86 -3.77 -9.98
C GLN A 178 14.60 -2.81 -10.90
N GLU A 179 15.41 -3.36 -11.81
CA GLU A 179 16.12 -2.59 -12.82
C GLU A 179 15.22 -1.47 -13.35
N SER A 180 14.07 -1.86 -13.91
CA SER A 180 13.17 -0.94 -14.58
C SER A 180 12.59 0.08 -13.59
N LYS A 181 12.21 -0.37 -12.40
CA LYS A 181 11.65 0.50 -11.37
C LYS A 181 12.67 1.58 -10.99
N LEU A 182 13.93 1.16 -10.81
CA LEU A 182 14.99 2.06 -10.38
C LEU A 182 15.30 3.08 -11.48
N ILE A 183 15.21 2.65 -12.75
CA ILE A 183 15.46 3.55 -13.87
C ILE A 183 14.38 4.64 -13.89
N ILE A 184 13.13 4.23 -13.66
CA ILE A 184 12.02 5.17 -13.64
C ILE A 184 12.20 6.17 -12.49
N LEU A 185 12.62 5.66 -11.33
CA LEU A 185 12.90 6.48 -10.17
C LEU A 185 14.04 7.45 -10.45
N ALA A 186 15.11 6.95 -11.07
CA ALA A 186 16.30 7.72 -11.39
C ALA A 186 15.99 8.82 -12.40
N SER A 187 15.07 8.53 -13.34
CA SER A 187 14.77 9.41 -14.44
C SER A 187 13.70 10.45 -14.08
N GLY A 188 13.31 10.50 -12.80
CA GLY A 188 12.32 11.48 -12.34
C GLY A 188 10.89 11.05 -12.64
N GLY A 189 10.65 9.73 -12.64
CA GLY A 189 9.36 9.17 -13.01
C GLY A 189 8.25 9.54 -12.03
N PRO A 190 8.45 9.36 -10.71
CA PRO A 190 7.43 9.73 -9.72
C PRO A 190 6.87 11.14 -9.85
N GLN A 191 7.77 12.13 -9.98
CA GLN A 191 7.40 13.52 -10.17
C GLN A 191 6.37 13.68 -11.28
N ALA A 192 6.65 13.09 -12.46
CA ALA A 192 5.83 13.24 -13.64
C ALA A 192 4.53 12.46 -13.52
N LEU A 193 4.61 11.26 -12.93
CA LEU A 193 3.45 10.40 -12.73
C LEU A 193 2.45 11.08 -11.80
N VAL A 194 2.97 11.61 -10.68
CA VAL A 194 2.14 12.31 -9.69
C VAL A 194 1.50 13.54 -10.33
N ASN A 195 2.23 14.19 -11.26
CA ASN A 195 1.73 15.37 -11.96
C ASN A 195 0.53 15.01 -12.84
N ILE A 196 0.58 13.84 -13.49
CA ILE A 196 -0.53 13.34 -14.30
C ILE A 196 -1.77 13.21 -13.42
N MET A 197 -1.59 12.70 -12.19
CA MET A 197 -2.71 12.39 -11.31
C MET A 197 -3.34 13.67 -10.76
N ARG A 198 -2.58 14.78 -10.71
CA ARG A 198 -3.09 16.03 -10.16
C ARG A 198 -3.64 16.95 -11.24
N THR A 199 -3.40 16.63 -12.53
CA THR A 199 -3.70 17.54 -13.62
C THR A 199 -4.92 17.07 -14.41
N TYR A 200 -4.92 15.79 -14.84
CA TYR A 200 -5.84 15.32 -15.87
C TYR A 200 -7.06 14.63 -15.26
N THR A 201 -8.12 14.47 -16.08
CA THR A 201 -9.36 13.82 -15.66
C THR A 201 -9.70 12.62 -16.56
N TYR A 202 -8.86 12.30 -17.56
CA TYR A 202 -9.12 11.18 -18.44
C TYR A 202 -8.92 9.87 -17.67
N GLU A 203 -9.99 9.07 -17.57
CA GLU A 203 -10.06 7.95 -16.65
C GLU A 203 -9.01 6.89 -16.97
N LYS A 204 -8.86 6.54 -18.25
CA LYS A 204 -7.89 5.53 -18.65
C LYS A 204 -6.48 5.92 -18.18
N LEU A 205 -6.11 7.19 -18.42
CA LEU A 205 -4.79 7.70 -18.08
C LEU A 205 -4.57 7.65 -16.56
N LEU A 206 -5.56 8.17 -15.82
CA LEU A 206 -5.52 8.14 -14.36
C LEU A 206 -5.38 6.70 -13.87
N TRP A 207 -6.15 5.79 -14.49
CA TRP A 207 -6.10 4.38 -14.16
C TRP A 207 -4.72 3.80 -14.41
N THR A 208 -4.22 3.95 -15.65
CA THR A 208 -2.95 3.35 -16.04
C THR A 208 -1.80 3.92 -15.22
N THR A 209 -1.87 5.24 -14.92
CA THR A 209 -0.86 5.92 -14.12
C THR A 209 -0.86 5.37 -12.69
N SER A 210 -2.05 5.13 -12.13
CA SER A 210 -2.18 4.63 -10.76
C SER A 210 -1.51 3.26 -10.60
N ARG A 211 -1.62 2.43 -11.65
CA ARG A 211 -1.05 1.09 -11.63
C ARG A 211 0.47 1.11 -11.71
N VAL A 212 1.03 2.17 -12.30
CA VAL A 212 2.48 2.36 -12.34
C VAL A 212 2.95 2.76 -10.94
N LEU A 213 2.28 3.76 -10.36
CA LEU A 213 2.60 4.24 -9.02
C LEU A 213 2.43 3.13 -7.98
N LYS A 214 1.50 2.20 -8.24
CA LYS A 214 1.29 1.06 -7.36
C LYS A 214 2.51 0.16 -7.38
N VAL A 215 2.95 -0.21 -8.59
CA VAL A 215 4.13 -1.04 -8.77
C VAL A 215 5.35 -0.39 -8.09
N LEU A 216 5.49 0.93 -8.27
CA LEU A 216 6.61 1.67 -7.70
C LEU A 216 6.51 1.76 -6.18
N SER A 217 5.29 1.74 -5.63
CA SER A 217 5.05 1.95 -4.21
C SER A 217 5.36 0.70 -3.37
N VAL A 218 5.60 -0.45 -4.03
CA VAL A 218 5.79 -1.72 -3.35
C VAL A 218 7.05 -1.70 -2.48
N CYS A 219 8.21 -1.42 -3.08
CA CYS A 219 9.48 -1.46 -2.36
C CYS A 219 9.60 -0.25 -1.43
N SER A 220 10.22 -0.46 -0.26
CA SER A 220 10.26 0.51 0.82
C SER A 220 11.14 1.71 0.48
N SER A 221 12.25 1.48 -0.22
CA SER A 221 13.19 2.53 -0.57
C SER A 221 12.63 3.47 -1.65
N ASN A 222 11.61 2.98 -2.39
CA ASN A 222 11.04 3.69 -3.52
C ASN A 222 9.93 4.65 -3.09
N LYS A 223 9.37 4.43 -1.88
CA LYS A 223 8.16 5.10 -1.43
C LYS A 223 8.37 6.60 -1.21
N PRO A 224 9.48 7.05 -0.57
CA PRO A 224 9.67 8.48 -0.28
C PRO A 224 9.55 9.42 -1.48
N ALA A 225 10.00 8.97 -2.66
CA ALA A 225 9.97 9.78 -3.86
C ALA A 225 8.54 10.12 -4.27
N ILE A 226 7.63 9.14 -4.14
CA ILE A 226 6.22 9.33 -4.46
C ILE A 226 5.59 10.25 -3.40
N VAL A 227 5.98 10.06 -2.14
CA VAL A 227 5.41 10.83 -1.03
C VAL A 227 5.84 12.30 -1.15
N GLU A 228 7.14 12.54 -1.30
CA GLU A 228 7.68 13.90 -1.29
C GLU A 228 7.11 14.72 -2.44
N ALA A 229 6.84 14.07 -3.58
CA ALA A 229 6.30 14.72 -4.76
C ALA A 229 4.87 15.21 -4.55
N GLY A 230 4.19 14.68 -3.51
CA GLY A 230 2.80 14.99 -3.25
C GLY A 230 1.86 13.92 -3.77
N GLY A 231 2.31 12.66 -3.74
CA GLY A 231 1.56 11.54 -4.30
C GLY A 231 0.36 11.16 -3.44
N MET A 232 0.50 11.30 -2.12
CA MET A 232 -0.58 10.92 -1.20
C MET A 232 -1.81 11.76 -1.49
N GLN A 233 -1.60 13.07 -1.68
CA GLN A 233 -2.69 14.00 -1.94
C GLN A 233 -3.25 13.80 -3.34
N ALA A 234 -2.37 13.53 -4.31
CA ALA A 234 -2.76 13.36 -5.69
C ALA A 234 -3.57 12.08 -5.88
N LEU A 235 -3.20 11.04 -5.12
CA LEU A 235 -3.93 9.77 -5.14
C LEU A 235 -5.27 9.94 -4.42
N GLY A 236 -5.25 10.68 -3.30
CA GLY A 236 -6.44 10.95 -2.50
C GLY A 236 -7.48 11.77 -3.27
N LEU A 237 -7.02 12.51 -4.28
CA LEU A 237 -7.87 13.38 -5.06
C LEU A 237 -8.91 12.58 -5.86
N HIS A 238 -8.63 11.30 -6.13
CA HIS A 238 -9.44 10.49 -7.02
C HIS A 238 -10.19 9.36 -6.29
N LEU A 239 -10.30 9.47 -4.96
CA LEU A 239 -10.91 8.43 -4.14
C LEU A 239 -12.44 8.45 -4.26
N THR A 240 -13.00 9.59 -4.68
CA THR A 240 -14.44 9.75 -4.82
C THR A 240 -14.85 9.68 -6.29
N ASP A 241 -13.92 9.29 -7.17
CA ASP A 241 -14.21 9.21 -8.60
C ASP A 241 -15.14 8.02 -8.88
N PRO A 242 -15.97 8.09 -9.94
CA PRO A 242 -16.89 7.00 -10.27
C PRO A 242 -16.21 5.67 -10.60
N SER A 243 -14.99 5.74 -11.15
CA SER A 243 -14.28 4.56 -11.58
C SER A 243 -13.87 3.71 -10.38
N GLN A 244 -14.37 2.46 -10.33
CA GLN A 244 -14.06 1.54 -9.26
C GLN A 244 -12.59 1.13 -9.31
N ARG A 245 -12.11 0.76 -10.51
CA ARG A 245 -10.75 0.29 -10.69
C ARG A 245 -9.75 1.38 -10.34
N LEU A 246 -10.07 2.64 -10.65
CA LEU A 246 -9.20 3.77 -10.35
C LEU A 246 -9.09 3.95 -8.83
N VAL A 247 -10.24 3.98 -8.14
CA VAL A 247 -10.28 4.17 -6.70
C VAL A 247 -9.49 3.07 -6.00
N GLN A 248 -9.67 1.82 -6.47
CA GLN A 248 -9.06 0.67 -5.85
C GLN A 248 -7.53 0.74 -5.93
N ASN A 249 -7.01 1.09 -7.12
CA ASN A 249 -5.58 1.21 -7.33
C ASN A 249 -5.00 2.35 -6.49
N CYS A 250 -5.74 3.45 -6.37
CA CYS A 250 -5.33 4.57 -5.55
C CYS A 250 -5.21 4.14 -4.08
N LEU A 251 -6.19 3.35 -3.62
CA LEU A 251 -6.24 2.89 -2.24
C LEU A 251 -5.09 1.93 -1.94
N TRP A 252 -4.87 0.96 -2.84
CA TRP A 252 -3.77 0.03 -2.71
C TRP A 252 -2.43 0.76 -2.62
N THR A 253 -2.24 1.74 -3.51
CA THR A 253 -1.00 2.50 -3.58
C THR A 253 -0.82 3.29 -2.29
N LEU A 254 -1.90 3.94 -1.83
CA LEU A 254 -1.88 4.75 -0.62
C LEU A 254 -1.48 3.91 0.60
N ARG A 255 -1.98 2.67 0.65
CA ARG A 255 -1.72 1.80 1.78
C ARG A 255 -0.26 1.35 1.78
N ASN A 256 0.27 1.04 0.60
CA ASN A 256 1.69 0.74 0.44
C ASN A 256 2.54 1.92 0.90
N LEU A 257 2.18 3.13 0.45
CA LEU A 257 2.92 4.34 0.73
C LEU A 257 2.82 4.75 2.19
N SER A 258 1.67 4.48 2.83
CA SER A 258 1.31 5.08 4.12
C SER A 258 2.29 4.70 5.23
N ASP A 259 3.05 3.62 5.06
CA ASP A 259 4.09 3.22 6.00
C ASP A 259 5.22 4.25 6.06
N ALA A 260 5.50 4.89 4.93
CA ALA A 260 6.56 5.88 4.82
C ALA A 260 6.03 7.31 4.94
N ALA A 261 4.70 7.47 4.99
CA ALA A 261 4.07 8.79 5.01
C ALA A 261 3.52 9.11 6.39
N THR A 262 4.03 8.44 7.43
CA THR A 262 3.52 8.60 8.79
C THR A 262 3.93 9.96 9.36
N LYS A 263 5.07 10.49 8.90
CA LYS A 263 5.56 11.80 9.33
C LYS A 263 5.29 12.87 8.27
N GLN A 264 4.80 12.45 7.10
CA GLN A 264 4.50 13.37 6.01
C GLN A 264 3.39 14.32 6.47
N GLU A 265 3.56 15.61 6.15
CA GLU A 265 2.64 16.64 6.59
C GLU A 265 1.66 16.99 5.46
N GLY A 266 0.49 17.51 5.85
CA GLY A 266 -0.52 17.98 4.91
C GLY A 266 -1.48 16.86 4.49
N MET A 267 -1.80 15.95 5.42
CA MET A 267 -2.56 14.75 5.13
C MET A 267 -4.03 14.92 5.52
N GLU A 268 -4.45 16.14 5.89
CA GLU A 268 -5.74 16.36 6.54
C GLU A 268 -6.89 16.09 5.57
N GLY A 269 -6.79 16.61 4.35
CA GLY A 269 -7.83 16.40 3.34
C GLY A 269 -8.05 14.93 3.04
N LEU A 270 -6.96 14.17 2.88
CA LEU A 270 -6.99 12.75 2.60
C LEU A 270 -7.69 11.99 3.74
N LEU A 271 -7.32 12.30 4.98
CA LEU A 271 -7.85 11.63 6.16
C LEU A 271 -9.37 11.78 6.24
N GLY A 272 -9.87 12.99 5.97
CA GLY A 272 -11.31 13.24 5.95
C GLY A 272 -12.03 12.34 4.95
N THR A 273 -11.44 12.15 3.77
CA THR A 273 -12.02 11.33 2.71
C THR A 273 -12.00 9.86 3.13
N LEU A 274 -10.89 9.44 3.74
CA LEU A 274 -10.72 8.06 4.19
C LEU A 274 -11.80 7.67 5.19
N VAL A 275 -12.14 8.59 6.10
CA VAL A 275 -13.17 8.36 7.10
C VAL A 275 -14.52 8.21 6.40
N GLN A 276 -14.78 9.05 5.39
CA GLN A 276 -16.00 8.96 4.59
C GLN A 276 -16.08 7.60 3.90
N LEU A 277 -14.94 7.10 3.40
CA LEU A 277 -14.90 5.84 2.67
C LEU A 277 -15.23 4.64 3.56
N LEU A 278 -15.09 4.79 4.88
CA LEU A 278 -15.46 3.73 5.81
C LEU A 278 -16.93 3.37 5.68
N GLY A 279 -17.75 4.32 5.20
CA GLY A 279 -19.17 4.11 4.98
C GLY A 279 -19.49 3.58 3.58
N SER A 280 -18.48 3.12 2.83
CA SER A 280 -18.67 2.59 1.50
C SER A 280 -19.38 1.23 1.56
N ASP A 281 -20.15 0.92 0.50
CA ASP A 281 -20.83 -0.36 0.35
C ASP A 281 -19.83 -1.46 0.00
N ASP A 282 -18.71 -1.07 -0.63
CA ASP A 282 -17.66 -1.99 -1.05
C ASP A 282 -16.76 -2.27 0.15
N ILE A 283 -16.70 -3.54 0.58
CA ILE A 283 -15.96 -3.93 1.76
C ILE A 283 -14.46 -3.77 1.53
N ASN A 284 -14.02 -3.91 0.27
CA ASN A 284 -12.60 -3.79 -0.06
C ASN A 284 -12.15 -2.34 0.12
N VAL A 285 -13.05 -1.40 -0.20
CA VAL A 285 -12.81 0.02 0.01
C VAL A 285 -12.66 0.32 1.51
N VAL A 286 -13.54 -0.28 2.31
CA VAL A 286 -13.56 -0.05 3.75
C VAL A 286 -12.27 -0.59 4.37
N THR A 287 -11.85 -1.79 3.94
CA THR A 287 -10.65 -2.45 4.43
C THR A 287 -9.43 -1.58 4.16
N CYS A 288 -9.32 -1.08 2.92
CA CYS A 288 -8.17 -0.28 2.52
C CYS A 288 -8.13 1.02 3.30
N ALA A 289 -9.28 1.70 3.38
CA ALA A 289 -9.40 2.96 4.11
C ALA A 289 -8.94 2.78 5.56
N ALA A 290 -9.38 1.69 6.20
CA ALA A 290 -9.04 1.40 7.59
C ALA A 290 -7.54 1.19 7.74
N GLY A 291 -6.95 0.46 6.79
CA GLY A 291 -5.51 0.18 6.80
C GLY A 291 -4.66 1.44 6.67
N ILE A 292 -5.08 2.37 5.81
CA ILE A 292 -4.35 3.59 5.58
C ILE A 292 -4.45 4.47 6.83
N LEU A 293 -5.68 4.60 7.38
CA LEU A 293 -5.93 5.34 8.60
C LEU A 293 -5.10 4.79 9.75
N SER A 294 -4.99 3.46 9.85
CA SER A 294 -4.16 2.81 10.85
C SER A 294 -2.71 3.30 10.72
N ASN A 295 -2.19 3.33 9.49
CA ASN A 295 -0.81 3.70 9.24
C ASN A 295 -0.58 5.19 9.51
N LEU A 296 -1.51 6.04 9.04
CA LEU A 296 -1.34 7.48 9.09
C LEU A 296 -1.52 8.02 10.50
N THR A 297 -2.20 7.29 11.39
CA THR A 297 -2.47 7.78 12.74
C THR A 297 -1.34 7.40 13.69
N CYS A 298 -0.45 6.50 13.26
CA CYS A 298 0.64 6.01 14.10
C CYS A 298 1.67 7.12 14.34
N ASN A 299 1.81 7.54 15.60
CA ASN A 299 2.82 8.51 16.01
C ASN A 299 2.76 9.79 15.18
N ASN A 300 1.56 10.33 15.01
CA ASN A 300 1.38 11.63 14.37
C ASN A 300 0.13 12.29 14.97
N TYR A 301 0.34 13.27 15.85
CA TYR A 301 -0.73 13.83 16.67
C TYR A 301 -1.71 14.65 15.82
N LYS A 302 -1.20 15.31 14.76
CA LYS A 302 -2.05 16.08 13.87
C LYS A 302 -3.04 15.16 13.15
N ASN A 303 -2.55 14.01 12.68
CA ASN A 303 -3.36 13.02 12.00
C ASN A 303 -4.38 12.42 12.96
N LYS A 304 -3.94 12.11 14.19
CA LYS A 304 -4.81 11.59 15.23
C LYS A 304 -5.94 12.57 15.51
N MET A 305 -5.59 13.85 15.68
CA MET A 305 -6.55 14.91 16.01
C MET A 305 -7.56 15.10 14.89
N MET A 306 -7.06 15.17 13.65
CA MET A 306 -7.90 15.41 12.49
C MET A 306 -8.98 14.33 12.39
N VAL A 307 -8.58 13.06 12.55
CA VAL A 307 -9.49 11.94 12.43
C VAL A 307 -10.58 12.02 13.50
N CYS A 308 -10.19 12.44 14.72
CA CYS A 308 -11.13 12.59 15.82
C CYS A 308 -12.15 13.68 15.51
N GLN A 309 -11.70 14.75 14.84
CA GLN A 309 -12.53 15.93 14.59
C GLN A 309 -13.61 15.66 13.55
N VAL A 310 -13.38 14.69 12.64
CA VAL A 310 -14.32 14.43 11.56
C VAL A 310 -15.16 13.19 11.86
N GLY A 311 -15.18 12.76 13.13
CA GLY A 311 -16.04 11.67 13.57
C GLY A 311 -15.45 10.30 13.22
N GLY A 312 -14.12 10.21 13.24
CA GLY A 312 -13.42 8.99 12.87
C GLY A 312 -13.70 7.84 13.85
N ILE A 313 -13.93 8.17 15.13
CA ILE A 313 -14.13 7.15 16.15
C ILE A 313 -15.42 6.39 15.86
N GLU A 314 -16.53 7.12 15.73
CA GLU A 314 -17.81 6.53 15.37
C GLU A 314 -17.65 5.61 14.17
N ALA A 315 -16.99 6.12 13.12
CA ALA A 315 -16.83 5.42 11.86
C ALA A 315 -16.06 4.11 12.06
N LEU A 316 -14.96 4.19 12.83
CA LEU A 316 -14.10 3.04 13.10
C LEU A 316 -14.81 2.02 13.99
N VAL A 317 -15.56 2.51 14.97
CA VAL A 317 -16.37 1.63 15.82
C VAL A 317 -17.38 0.89 14.95
N ARG A 318 -18.09 1.64 14.09
N ARG A 318 -18.10 1.66 14.11
CA ARG A 318 -19.10 1.08 13.23
CA ARG A 318 -19.09 1.12 13.20
C ARG A 318 -18.49 0.11 12.23
C ARG A 318 -18.46 0.09 12.28
N THR A 319 -17.23 0.37 11.82
CA THR A 319 -16.50 -0.51 10.92
C THR A 319 -16.19 -1.84 11.59
N VAL A 320 -15.76 -1.80 12.85
CA VAL A 320 -15.47 -2.99 13.64
C VAL A 320 -16.75 -3.82 13.82
N LEU A 321 -17.86 -3.14 14.14
CA LEU A 321 -19.15 -3.79 14.31
C LEU A 321 -19.56 -4.49 13.02
N ARG A 322 -19.47 -3.74 11.92
CA ARG A 322 -19.88 -4.21 10.61
C ARG A 322 -18.98 -5.35 10.12
N ALA A 323 -17.72 -5.37 10.57
CA ALA A 323 -16.75 -6.35 10.09
C ALA A 323 -17.01 -7.74 10.67
N GLY A 324 -17.52 -7.81 11.90
CA GLY A 324 -17.71 -9.09 12.56
C GLY A 324 -16.36 -9.78 12.81
N ASP A 325 -16.21 -11.01 12.26
CA ASP A 325 -15.04 -11.83 12.51
C ASP A 325 -14.03 -11.73 11.36
N ARG A 326 -14.23 -10.75 10.45
CA ARG A 326 -13.26 -10.47 9.41
C ARG A 326 -12.10 -9.68 10.00
N GLU A 327 -11.01 -10.40 10.30
CA GLU A 327 -9.88 -9.84 11.03
C GLU A 327 -9.03 -8.95 10.11
N ASP A 328 -9.20 -9.09 8.79
CA ASP A 328 -8.57 -8.21 7.83
C ASP A 328 -9.06 -6.77 8.03
N ILE A 329 -10.28 -6.62 8.55
CA ILE A 329 -10.91 -5.32 8.72
C ILE A 329 -10.76 -4.84 10.16
N THR A 330 -11.01 -5.74 11.12
CA THR A 330 -11.03 -5.35 12.53
C THR A 330 -9.63 -4.96 12.99
N GLU A 331 -8.61 -5.71 12.57
CA GLU A 331 -7.23 -5.49 13.01
C GLU A 331 -6.78 -4.07 12.72
N PRO A 332 -6.83 -3.56 11.47
CA PRO A 332 -6.44 -2.17 11.20
C PRO A 332 -7.35 -1.14 11.85
N ALA A 333 -8.65 -1.45 11.96
CA ALA A 333 -9.62 -0.58 12.60
C ALA A 333 -9.30 -0.43 14.09
N ILE A 334 -9.02 -1.55 14.77
CA ILE A 334 -8.67 -1.55 16.18
C ILE A 334 -7.35 -0.81 16.40
N CYS A 335 -6.36 -1.08 15.54
CA CYS A 335 -5.07 -0.40 15.60
C CYS A 335 -5.27 1.11 15.51
N ALA A 336 -6.07 1.55 14.54
CA ALA A 336 -6.34 2.97 14.37
C ALA A 336 -6.91 3.54 15.67
N LEU A 337 -7.89 2.84 16.25
CA LEU A 337 -8.52 3.27 17.49
C LEU A 337 -7.50 3.31 18.63
N ARG A 338 -6.59 2.32 18.68
CA ARG A 338 -5.52 2.30 19.66
C ARG A 338 -4.64 3.54 19.53
N HIS A 339 -4.31 3.92 18.30
CA HIS A 339 -3.51 5.12 18.03
C HIS A 339 -4.25 6.36 18.49
N LEU A 340 -5.55 6.42 18.18
CA LEU A 340 -6.38 7.60 18.45
C LEU A 340 -6.67 7.78 19.93
N THR A 341 -6.41 6.76 20.76
CA THR A 341 -6.75 6.83 22.18
C THR A 341 -5.52 7.04 23.06
N SER A 342 -4.40 7.50 22.47
CA SER A 342 -3.18 7.74 23.23
C SER A 342 -2.39 8.92 22.69
N ARG A 343 -1.77 9.68 23.62
CA ARG A 343 -0.68 10.60 23.34
C ARG A 343 -1.08 11.68 22.33
N HIS A 344 -2.17 12.39 22.61
CA HIS A 344 -2.47 13.66 21.95
C HIS A 344 -3.55 14.38 22.74
N GLN A 345 -3.94 15.58 22.28
CA GLN A 345 -4.83 16.45 23.01
C GLN A 345 -6.20 15.82 23.19
N GLU A 346 -6.73 15.20 22.12
CA GLU A 346 -8.06 14.65 22.11
C GLU A 346 -8.05 13.13 22.34
N ALA A 347 -7.03 12.61 23.03
CA ALA A 347 -6.99 11.21 23.41
C ALA A 347 -8.11 10.90 24.40
N GLU A 348 -8.42 11.87 25.27
CA GLU A 348 -9.43 11.72 26.31
C GLU A 348 -10.82 11.77 25.68
N MET A 349 -11.02 12.70 24.75
CA MET A 349 -12.25 12.75 23.97
C MET A 349 -12.45 11.43 23.24
N ALA A 350 -11.35 10.89 22.68
CA ALA A 350 -11.38 9.66 21.91
C ALA A 350 -11.73 8.46 22.79
N GLN A 351 -11.15 8.40 24.00
CA GLN A 351 -11.40 7.32 24.96
C GLN A 351 -12.88 7.27 25.35
N ASN A 352 -13.49 8.45 25.55
CA ASN A 352 -14.91 8.56 25.87
C ASN A 352 -15.76 8.21 24.65
N ALA A 353 -15.34 8.68 23.46
CA ALA A 353 -16.10 8.49 22.23
C ALA A 353 -16.37 7.01 21.96
N VAL A 354 -15.38 6.16 22.22
CA VAL A 354 -15.50 4.74 21.94
C VAL A 354 -16.65 4.15 22.77
N ARG A 355 -16.79 4.61 24.03
CA ARG A 355 -17.89 4.21 24.89
C ARG A 355 -19.21 4.80 24.38
N LEU A 356 -19.21 6.10 24.09
CA LEU A 356 -20.42 6.83 23.74
C LEU A 356 -21.02 6.32 22.42
N HIS A 357 -20.18 5.74 21.56
CA HIS A 357 -20.62 5.19 20.29
C HIS A 357 -20.68 3.66 20.35
N TYR A 358 -20.79 3.10 21.57
CA TYR A 358 -21.17 1.72 21.81
C TYR A 358 -20.12 0.75 21.27
N GLY A 359 -18.84 1.09 21.52
CA GLY A 359 -17.72 0.31 21.03
C GLY A 359 -17.25 -0.75 22.02
N LEU A 360 -17.48 -0.52 23.32
CA LEU A 360 -16.90 -1.34 24.37
C LEU A 360 -17.35 -2.80 24.27
N PRO A 361 -18.63 -3.10 23.97
CA PRO A 361 -19.08 -4.48 23.84
C PRO A 361 -18.29 -5.27 22.80
N VAL A 362 -18.12 -4.68 21.60
CA VAL A 362 -17.49 -5.36 20.49
C VAL A 362 -15.98 -5.44 20.71
N VAL A 363 -15.39 -4.41 21.34
CA VAL A 363 -13.96 -4.39 21.63
C VAL A 363 -13.61 -5.56 22.56
N VAL A 364 -14.44 -5.80 23.57
CA VAL A 364 -14.21 -6.88 24.52
C VAL A 364 -14.46 -8.23 23.85
N LYS A 365 -15.47 -8.27 22.97
CA LYS A 365 -15.83 -9.49 22.27
C LYS A 365 -14.66 -10.04 21.47
N LEU A 366 -13.83 -9.15 20.91
CA LEU A 366 -12.74 -9.53 20.01
C LEU A 366 -11.57 -10.18 20.77
N LEU A 367 -11.54 -10.06 22.10
CA LEU A 367 -10.58 -10.77 22.93
C LEU A 367 -10.83 -12.28 22.86
N HIS A 368 -12.11 -12.67 22.75
CA HIS A 368 -12.51 -14.06 22.75
C HIS A 368 -12.19 -14.69 21.39
N PRO A 369 -12.12 -16.04 21.29
CA PRO A 369 -11.99 -16.71 19.99
C PRO A 369 -13.19 -16.42 19.10
N PRO A 370 -13.11 -16.61 17.77
CA PRO A 370 -11.93 -17.17 17.10
C PRO A 370 -10.82 -16.20 16.69
N SER A 371 -10.74 -15.04 17.37
CA SER A 371 -9.73 -14.03 17.05
C SER A 371 -8.32 -14.61 17.19
N HIS A 372 -7.43 -14.17 16.29
CA HIS A 372 -6.03 -14.60 16.30
C HIS A 372 -5.18 -13.54 17.00
N TRP A 373 -3.93 -13.89 17.29
CA TRP A 373 -3.08 -13.13 18.20
C TRP A 373 -2.88 -11.67 17.77
N PRO A 374 -2.63 -11.36 16.48
CA PRO A 374 -2.37 -9.98 16.06
C PRO A 374 -3.50 -9.03 16.41
N LEU A 375 -4.75 -9.50 16.27
CA LEU A 375 -5.93 -8.73 16.63
C LEU A 375 -6.02 -8.57 18.15
N ILE A 376 -5.81 -9.68 18.87
CA ILE A 376 -5.91 -9.69 20.33
C ILE A 376 -4.89 -8.71 20.91
N LYS A 377 -3.66 -8.74 20.39
CA LYS A 377 -2.61 -7.83 20.80
C LYS A 377 -3.06 -6.38 20.66
N ALA A 378 -3.64 -6.04 19.48
CA ALA A 378 -4.11 -4.69 19.20
C ALA A 378 -5.28 -4.31 20.11
N THR A 379 -6.16 -5.29 20.38
CA THR A 379 -7.35 -5.08 21.20
C THR A 379 -6.97 -4.83 22.66
N VAL A 380 -5.98 -5.58 23.15
CA VAL A 380 -5.50 -5.41 24.52
C VAL A 380 -4.89 -4.02 24.68
N GLY A 381 -4.10 -3.60 23.69
CA GLY A 381 -3.50 -2.27 23.67
C GLY A 381 -4.55 -1.17 23.71
N LEU A 382 -5.65 -1.36 22.95
CA LEU A 382 -6.74 -0.40 22.89
C LEU A 382 -7.44 -0.33 24.25
N ILE A 383 -7.83 -1.50 24.77
CA ILE A 383 -8.49 -1.60 26.07
C ILE A 383 -7.65 -0.92 27.15
N ARG A 384 -6.32 -1.07 27.07
CA ARG A 384 -5.40 -0.44 28.00
C ARG A 384 -5.57 1.07 27.96
N ASN A 385 -5.65 1.62 26.75
CA ASN A 385 -5.83 3.05 26.53
C ASN A 385 -7.21 3.50 27.03
N LEU A 386 -8.23 2.71 26.72
CA LEU A 386 -9.60 2.99 27.12
C LEU A 386 -9.74 2.99 28.65
N ALA A 387 -8.97 2.14 29.33
CA ALA A 387 -9.02 2.02 30.77
C ALA A 387 -8.52 3.28 31.47
N LEU A 388 -7.70 4.09 30.78
CA LEU A 388 -7.21 5.34 31.32
C LEU A 388 -8.37 6.28 31.66
N CYS A 389 -9.45 6.21 30.87
CA CYS A 389 -10.67 6.97 31.13
C CYS A 389 -11.47 6.30 32.25
N PRO A 390 -11.67 6.96 33.42
CA PRO A 390 -12.37 6.35 34.54
C PRO A 390 -13.79 5.89 34.26
N ALA A 391 -14.48 6.60 33.35
CA ALA A 391 -15.87 6.31 33.01
C ALA A 391 -15.99 4.97 32.27
N ASN A 392 -14.86 4.45 31.76
CA ASN A 392 -14.82 3.19 31.04
C ASN A 392 -14.55 2.02 31.98
N HIS A 393 -14.19 2.30 33.25
CA HIS A 393 -13.84 1.27 34.21
C HIS A 393 -14.97 0.26 34.42
N ALA A 394 -16.17 0.78 34.74
CA ALA A 394 -17.31 -0.07 35.06
C ALA A 394 -17.84 -0.77 33.81
N PRO A 395 -18.06 -0.07 32.68
CA PRO A 395 -18.52 -0.72 31.45
C PRO A 395 -17.63 -1.88 30.99
N LEU A 396 -16.31 -1.69 31.07
CA LEU A 396 -15.34 -2.71 30.70
C LEU A 396 -15.48 -3.92 31.62
N ARG A 397 -15.65 -3.67 32.93
CA ARG A 397 -15.91 -4.73 33.90
C ARG A 397 -17.20 -5.46 33.54
N GLU A 398 -18.28 -4.70 33.35
CA GLU A 398 -19.61 -5.24 33.11
C GLU A 398 -19.68 -5.99 31.78
N GLN A 399 -18.76 -5.70 30.85
CA GLN A 399 -18.69 -6.43 29.58
C GLN A 399 -17.90 -7.72 29.71
N GLY A 400 -17.19 -7.90 30.83
CA GLY A 400 -16.46 -9.12 31.12
C GLY A 400 -15.04 -9.09 30.58
N ALA A 401 -14.39 -7.94 30.72
CA ALA A 401 -13.03 -7.73 30.22
C ALA A 401 -12.00 -8.38 31.14
N ILE A 402 -12.22 -8.31 32.46
CA ILE A 402 -11.22 -8.70 33.43
C ILE A 402 -10.90 -10.19 33.29
N PRO A 403 -11.91 -11.10 33.31
CA PRO A 403 -11.66 -12.54 33.23
C PRO A 403 -10.87 -12.97 31.99
N ARG A 404 -11.22 -12.40 30.83
CA ARG A 404 -10.59 -12.76 29.57
C ARG A 404 -9.16 -12.22 29.51
N LEU A 405 -8.95 -10.99 29.98
CA LEU A 405 -7.63 -10.41 30.10
C LEU A 405 -6.72 -11.32 30.92
N VAL A 406 -7.25 -11.83 32.04
CA VAL A 406 -6.49 -12.74 32.90
C VAL A 406 -6.20 -14.03 32.13
N GLN A 407 -7.23 -14.56 31.46
CA GLN A 407 -7.14 -15.82 30.75
C GLN A 407 -6.06 -15.75 29.67
N LEU A 408 -6.01 -14.62 28.95
CA LEU A 408 -5.03 -14.39 27.90
C LEU A 408 -3.62 -14.27 28.49
N LEU A 409 -3.50 -13.60 29.64
CA LEU A 409 -2.24 -13.43 30.33
C LEU A 409 -1.66 -14.79 30.73
N VAL A 410 -2.54 -15.69 31.18
CA VAL A 410 -2.14 -17.02 31.66
C VAL A 410 -1.58 -17.84 30.49
N ARG A 411 -2.31 -17.85 29.36
CA ARG A 411 -1.90 -18.62 28.19
C ARG A 411 -0.56 -18.12 27.66
N ALA A 412 -0.37 -16.79 27.68
CA ALA A 412 0.86 -16.18 27.17
C ALA A 412 2.04 -16.46 28.10
N HIS A 413 1.79 -16.46 29.41
CA HIS A 413 2.82 -16.71 30.41
C HIS A 413 3.41 -18.11 30.28
N GLN A 414 2.56 -19.11 29.96
CA GLN A 414 2.95 -20.51 29.86
C GLN A 414 4.12 -20.71 28.92
N ASP A 415 4.12 -20.00 27.79
CA ASP A 415 5.14 -20.14 26.75
C ASP A 415 6.45 -19.47 27.16
N THR A 416 6.37 -18.37 27.92
CA THR A 416 7.52 -17.53 28.22
C THR A 416 7.98 -17.66 29.68
N GLN A 417 7.48 -18.67 30.40
CA GLN A 417 7.74 -18.81 31.83
C GLN A 417 9.21 -18.44 32.16
N PHE A 429 7.42 -16.46 19.50
CA PHE A 429 6.52 -15.96 18.42
C PHE A 429 5.42 -16.99 18.15
N VAL A 430 4.17 -16.52 18.24
CA VAL A 430 3.02 -17.30 17.81
C VAL A 430 2.20 -16.39 16.88
N GLU A 431 2.09 -16.79 15.61
CA GLU A 431 1.38 -16.02 14.59
C GLU A 431 2.03 -14.65 14.41
N GLY A 432 3.35 -14.56 14.62
CA GLY A 432 4.11 -13.34 14.45
C GLY A 432 4.01 -12.39 15.63
N VAL A 433 3.49 -12.89 16.77
CA VAL A 433 3.28 -12.07 17.96
C VAL A 433 4.09 -12.65 19.11
N ARG A 434 4.87 -11.78 19.77
CA ARG A 434 5.59 -12.15 20.98
C ARG A 434 4.58 -12.36 22.11
N MET A 435 4.75 -13.47 22.85
CA MET A 435 3.92 -13.76 24.00
C MET A 435 4.29 -12.86 25.18
N GLU A 436 5.49 -12.26 25.12
CA GLU A 436 5.94 -11.31 26.13
C GLU A 436 5.13 -10.02 26.04
N GLU A 437 4.77 -9.62 24.80
CA GLU A 437 4.00 -8.41 24.56
C GLU A 437 2.55 -8.58 25.03
N ILE A 438 2.04 -9.81 24.92
CA ILE A 438 0.70 -10.15 25.40
C ILE A 438 0.68 -10.08 26.94
N VAL A 439 1.70 -10.63 27.58
CA VAL A 439 1.83 -10.61 29.03
C VAL A 439 1.86 -9.16 29.51
N GLU A 440 2.77 -8.37 28.92
CA GLU A 440 2.95 -6.97 29.29
C GLU A 440 1.65 -6.19 29.09
N GLY A 441 1.00 -6.39 27.94
CA GLY A 441 -0.19 -5.66 27.57
C GLY A 441 -1.38 -5.98 28.47
N CYS A 442 -1.58 -7.27 28.75
CA CYS A 442 -2.65 -7.74 29.62
C CYS A 442 -2.47 -7.21 31.04
N THR A 443 -1.25 -7.35 31.58
CA THR A 443 -0.94 -6.93 32.94
C THR A 443 -1.07 -5.41 33.03
N GLY A 444 -0.63 -4.70 31.99
CA GLY A 444 -0.73 -3.25 31.90
C GLY A 444 -2.19 -2.78 31.94
N ALA A 445 -3.06 -3.44 31.17
CA ALA A 445 -4.48 -3.14 31.17
C ALA A 445 -5.09 -3.33 32.55
N LEU A 446 -4.80 -4.50 33.16
CA LEU A 446 -5.29 -4.84 34.49
C LEU A 446 -4.77 -3.83 35.53
N HIS A 447 -3.52 -3.37 35.34
CA HIS A 447 -2.92 -2.35 36.19
C HIS A 447 -3.75 -1.07 36.18
N ILE A 448 -4.22 -0.65 34.99
CA ILE A 448 -4.99 0.57 34.86
C ILE A 448 -6.41 0.36 35.39
N LEU A 449 -6.99 -0.82 35.11
CA LEU A 449 -8.32 -1.17 35.56
C LEU A 449 -8.37 -1.26 37.10
N ALA A 450 -7.26 -1.65 37.73
CA ALA A 450 -7.19 -1.86 39.17
C ALA A 450 -7.20 -0.54 39.93
N ARG A 451 -7.34 0.59 39.24
CA ARG A 451 -7.55 1.89 39.87
C ARG A 451 -8.94 1.97 40.49
N ASP A 452 -9.88 1.16 39.97
CA ASP A 452 -11.24 1.08 40.46
C ASP A 452 -11.35 -0.01 41.52
N VAL A 453 -12.05 0.29 42.62
CA VAL A 453 -12.13 -0.60 43.77
C VAL A 453 -12.88 -1.88 43.40
N HIS A 454 -13.93 -1.76 42.58
CA HIS A 454 -14.77 -2.90 42.23
C HIS A 454 -13.99 -3.84 41.29
N ASN A 455 -13.16 -3.25 40.43
CA ASN A 455 -12.30 -4.01 39.53
C ASN A 455 -11.26 -4.81 40.33
N ARG A 456 -10.71 -4.20 41.39
CA ARG A 456 -9.74 -4.87 42.24
C ARG A 456 -10.33 -6.13 42.85
N ILE A 457 -11.60 -6.07 43.25
CA ILE A 457 -12.31 -7.21 43.83
C ILE A 457 -12.35 -8.36 42.81
N VAL A 458 -12.68 -8.03 41.56
CA VAL A 458 -12.80 -9.03 40.50
C VAL A 458 -11.43 -9.66 40.26
N ILE A 459 -10.40 -8.80 40.11
CA ILE A 459 -9.04 -9.23 39.80
C ILE A 459 -8.52 -10.17 40.88
N ARG A 460 -8.76 -9.82 42.14
CA ARG A 460 -8.39 -10.65 43.28
C ARG A 460 -9.16 -11.97 43.24
N GLY A 461 -10.46 -11.89 42.95
CA GLY A 461 -11.35 -13.04 42.93
C GLY A 461 -10.90 -14.12 41.94
N LEU A 462 -10.12 -13.72 40.91
CA LEU A 462 -9.65 -14.64 39.89
C LEU A 462 -8.29 -15.25 40.26
N ASN A 463 -7.83 -15.04 41.50
CA ASN A 463 -6.62 -15.67 41.99
C ASN A 463 -5.44 -15.31 41.09
N THR A 464 -5.15 -14.00 41.00
CA THR A 464 -4.12 -13.48 40.11
C THR A 464 -2.84 -13.16 40.88
N ILE A 465 -2.90 -13.13 42.22
CA ILE A 465 -1.78 -12.67 43.04
C ILE A 465 -0.55 -13.54 42.76
N PRO A 466 -0.65 -14.88 42.78
CA PRO A 466 0.51 -15.75 42.53
C PRO A 466 1.17 -15.51 41.17
N LEU A 467 0.34 -15.28 40.14
CA LEU A 467 0.81 -15.04 38.78
C LEU A 467 1.61 -13.73 38.75
N PHE A 468 1.04 -12.66 39.32
CA PHE A 468 1.66 -11.35 39.32
C PHE A 468 3.01 -11.38 40.03
N VAL A 469 3.14 -12.18 41.09
CA VAL A 469 4.38 -12.29 41.83
C VAL A 469 5.44 -12.98 40.97
N GLN A 470 5.04 -14.00 40.19
CA GLN A 470 5.95 -14.68 39.29
C GLN A 470 6.46 -13.72 38.21
N LEU A 471 5.65 -12.72 37.83
CA LEU A 471 6.02 -11.74 36.82
C LEU A 471 7.07 -10.75 37.33
N LEU A 472 7.29 -10.72 38.65
CA LEU A 472 8.35 -9.93 39.24
C LEU A 472 9.73 -10.50 38.89
N TYR A 473 9.77 -11.79 38.54
CA TYR A 473 11.02 -12.47 38.18
C TYR A 473 11.37 -12.24 36.71
N SER A 474 10.42 -11.71 35.92
CA SER A 474 10.61 -11.49 34.50
C SER A 474 11.87 -10.68 34.23
N PRO A 475 12.67 -11.02 33.19
CA PRO A 475 13.82 -10.19 32.81
C PRO A 475 13.44 -8.86 32.15
N ILE A 476 12.22 -8.79 31.58
CA ILE A 476 11.76 -7.59 30.89
C ILE A 476 11.27 -6.57 31.92
N GLU A 477 11.84 -5.35 31.85
CA GLU A 477 11.59 -4.30 32.83
C GLU A 477 10.14 -3.84 32.83
N ASN A 478 9.52 -3.76 31.65
CA ASN A 478 8.15 -3.25 31.52
C ASN A 478 7.16 -4.21 32.18
N ILE A 479 7.42 -5.51 32.08
CA ILE A 479 6.61 -6.54 32.71
C ILE A 479 6.77 -6.45 34.24
N GLN A 480 7.99 -6.18 34.70
CA GLN A 480 8.28 -5.96 36.12
C GLN A 480 7.50 -4.74 36.64
N ARG A 481 7.43 -3.69 35.82
CA ARG A 481 6.81 -2.43 36.23
C ARG A 481 5.30 -2.60 36.40
N VAL A 482 4.65 -3.23 35.43
CA VAL A 482 3.20 -3.36 35.42
C VAL A 482 2.75 -4.44 36.42
N ALA A 483 3.57 -5.49 36.59
CA ALA A 483 3.30 -6.54 37.56
C ALA A 483 3.36 -5.99 38.99
N ALA A 484 4.36 -5.13 39.25
CA ALA A 484 4.46 -4.44 40.53
C ALA A 484 3.38 -3.37 40.62
N GLY A 485 3.07 -2.74 39.48
CA GLY A 485 2.03 -1.73 39.38
C GLY A 485 0.67 -2.27 39.82
N VAL A 486 0.27 -3.42 39.29
CA VAL A 486 -1.02 -4.02 39.63
C VAL A 486 -1.01 -4.49 41.08
N LEU A 487 0.10 -5.10 41.53
CA LEU A 487 0.27 -5.53 42.91
C LEU A 487 0.13 -4.33 43.86
N CYS A 488 0.71 -3.19 43.48
CA CYS A 488 0.59 -1.95 44.24
C CYS A 488 -0.88 -1.59 44.44
N GLU A 489 -1.64 -1.55 43.33
CA GLU A 489 -3.06 -1.19 43.36
C GLU A 489 -3.83 -2.15 44.27
N LEU A 490 -3.59 -3.46 44.10
CA LEU A 490 -4.26 -4.50 44.86
C LEU A 490 -3.93 -4.42 46.36
N ALA A 491 -2.69 -3.99 46.68
CA ALA A 491 -2.20 -3.98 48.05
C ALA A 491 -2.88 -2.89 48.90
N GLN A 492 -3.73 -2.05 48.29
CA GLN A 492 -4.52 -1.08 49.01
C GLN A 492 -5.39 -1.75 50.07
N ASP A 493 -5.95 -2.92 49.74
CA ASP A 493 -6.66 -3.75 50.69
C ASP A 493 -5.67 -4.50 51.58
N LYS A 494 -5.98 -4.58 52.87
CA LYS A 494 -5.08 -5.18 53.85
C LYS A 494 -4.97 -6.68 53.62
N GLU A 495 -6.10 -7.34 53.32
CA GLU A 495 -6.15 -8.77 53.14
C GLU A 495 -5.37 -9.19 51.90
N ALA A 496 -5.44 -8.38 50.84
CA ALA A 496 -4.70 -8.61 49.61
C ALA A 496 -3.20 -8.50 49.86
N ALA A 497 -2.80 -7.47 50.63
CA ALA A 497 -1.40 -7.25 50.99
C ALA A 497 -0.82 -8.46 51.72
N GLU A 498 -1.63 -9.11 52.56
CA GLU A 498 -1.21 -10.29 53.30
C GLU A 498 -0.97 -11.46 52.34
N ALA A 499 -1.83 -11.61 51.33
CA ALA A 499 -1.73 -12.69 50.37
C ALA A 499 -0.51 -12.51 49.45
N ILE A 500 -0.14 -11.25 49.20
CA ILE A 500 1.03 -10.92 48.39
C ILE A 500 2.29 -11.28 49.18
N GLU A 501 2.34 -10.85 50.45
CA GLU A 501 3.44 -11.20 51.34
C GLU A 501 3.53 -12.71 51.49
N ALA A 502 2.37 -13.36 51.65
CA ALA A 502 2.29 -14.81 51.82
C ALA A 502 2.81 -15.55 50.59
N GLU A 503 2.71 -14.92 49.42
CA GLU A 503 3.20 -15.50 48.17
C GLU A 503 4.71 -15.30 48.01
N GLY A 504 5.35 -14.58 48.94
CA GLY A 504 6.80 -14.42 48.93
C GLY A 504 7.24 -13.40 47.89
N ALA A 505 6.61 -12.23 47.94
CA ALA A 505 6.89 -11.14 47.00
C ALA A 505 7.99 -10.23 47.55
N THR A 506 8.25 -10.28 48.86
CA THR A 506 9.14 -9.35 49.52
C THR A 506 10.53 -9.37 48.89
N ALA A 507 11.07 -10.58 48.64
CA ALA A 507 12.44 -10.72 48.18
C ALA A 507 12.58 -10.19 46.75
N PRO A 508 11.73 -10.62 45.79
CA PRO A 508 11.69 -10.00 44.46
C PRO A 508 11.55 -8.47 44.49
N LEU A 509 10.63 -7.99 45.34
CA LEU A 509 10.36 -6.57 45.46
C LEU A 509 11.58 -5.82 45.98
N THR A 510 12.27 -6.41 46.97
CA THR A 510 13.48 -5.84 47.54
C THR A 510 14.57 -5.79 46.46
N GLU A 511 14.66 -6.84 45.64
CA GLU A 511 15.55 -6.87 44.50
C GLU A 511 15.19 -5.75 43.52
N LEU A 512 13.89 -5.62 43.19
CA LEU A 512 13.40 -4.65 42.23
C LEU A 512 13.44 -3.22 42.78
N LEU A 513 13.63 -3.08 44.11
CA LEU A 513 13.74 -1.77 44.74
C LEU A 513 14.98 -1.01 44.24
N HIS A 514 16.01 -1.75 43.79
CA HIS A 514 17.30 -1.17 43.43
C HIS A 514 17.44 -0.93 41.93
N SER A 515 16.35 -1.07 41.16
CA SER A 515 16.39 -0.94 39.72
C SER A 515 16.78 0.48 39.31
N ARG A 516 17.52 0.60 38.20
CA ARG A 516 17.79 1.90 37.61
C ARG A 516 16.55 2.45 36.93
N ASN A 517 15.64 1.55 36.51
CA ASN A 517 14.32 1.92 36.03
C ASN A 517 13.49 2.45 37.20
N GLU A 518 13.26 3.77 37.21
CA GLU A 518 12.63 4.44 38.34
C GLU A 518 11.18 3.99 38.51
N GLY A 519 10.49 3.73 37.40
CA GLY A 519 9.12 3.24 37.42
C GLY A 519 8.99 1.92 38.19
N VAL A 520 9.90 0.98 37.90
CA VAL A 520 9.91 -0.32 38.56
C VAL A 520 10.21 -0.14 40.05
N ALA A 521 11.19 0.72 40.37
CA ALA A 521 11.62 0.94 41.74
C ALA A 521 10.56 1.67 42.56
N THR A 522 9.75 2.50 41.89
CA THR A 522 8.71 3.27 42.54
C THR A 522 7.62 2.32 43.06
N TYR A 523 7.15 1.44 42.18
CA TYR A 523 6.07 0.50 42.50
C TYR A 523 6.56 -0.57 43.48
N ALA A 524 7.82 -0.99 43.36
CA ALA A 524 8.41 -1.96 44.28
C ALA A 524 8.37 -1.43 45.71
N ALA A 525 8.78 -0.16 45.89
CA ALA A 525 8.78 0.51 47.16
C ALA A 525 7.35 0.68 47.70
N ALA A 526 6.40 0.91 46.78
CA ALA A 526 5.01 1.14 47.13
C ALA A 526 4.36 -0.13 47.70
N VAL A 527 4.67 -1.30 47.12
CA VAL A 527 4.07 -2.56 47.52
C VAL A 527 4.60 -2.97 48.89
N LEU A 528 5.93 -2.87 49.07
CA LEU A 528 6.58 -3.16 50.35
C LEU A 528 5.97 -2.29 51.44
N PHE A 529 5.78 -0.99 51.13
CA PHE A 529 5.21 -0.04 52.07
C PHE A 529 3.81 -0.47 52.51
N ARG A 530 2.96 -0.85 51.54
CA ARG A 530 1.57 -1.21 51.81
C ARG A 530 1.47 -2.58 52.49
N MET A 531 2.47 -3.44 52.27
CA MET A 531 2.54 -4.72 52.97
C MET A 531 2.90 -4.51 54.44
N SER A 532 3.53 -3.35 54.75
CA SER A 532 4.02 -3.04 56.08
C SER A 532 2.98 -2.30 56.93
N GLU A 533 1.89 -1.82 56.32
CA GLU A 533 0.86 -1.08 57.03
C GLU A 533 -0.46 -1.89 57.07
N GLU B 2 -4.56 11.40 -34.83
CA GLU B 2 -5.25 11.11 -33.57
C GLU B 2 -5.96 9.76 -33.64
N SER B 3 -6.40 9.36 -34.84
CA SER B 3 -7.08 8.10 -35.07
C SER B 3 -6.14 6.92 -34.85
N ILE B 4 -4.83 7.13 -34.99
CA ILE B 4 -3.83 6.11 -34.66
C ILE B 4 -4.05 5.64 -33.22
N LEU B 5 -4.23 6.61 -32.32
CA LEU B 5 -4.37 6.36 -30.89
C LEU B 5 -5.73 5.74 -30.59
N ASP B 6 -6.79 6.30 -31.19
CA ASP B 6 -8.16 5.83 -30.96
C ASP B 6 -8.30 4.37 -31.33
N GLU B 7 -7.82 4.00 -32.52
CA GLU B 7 -7.97 2.64 -33.03
C GLU B 7 -7.18 1.66 -32.17
N HIS B 8 -6.02 2.09 -31.69
CA HIS B 8 -5.19 1.30 -30.78
C HIS B 8 -5.91 1.06 -29.46
N LEU B 9 -6.47 2.13 -28.87
CA LEU B 9 -7.23 2.04 -27.63
C LEU B 9 -8.35 1.01 -27.73
N GLN B 10 -9.05 0.98 -28.88
CA GLN B 10 -10.16 0.09 -29.10
C GLN B 10 -9.71 -1.37 -29.18
N ARG B 11 -8.50 -1.62 -29.70
CA ARG B 11 -7.95 -2.96 -29.77
C ARG B 11 -7.61 -3.47 -28.37
N VAL B 12 -6.84 -2.66 -27.63
CA VAL B 12 -6.26 -3.09 -26.37
C VAL B 12 -7.35 -3.21 -25.30
N TRP B 13 -8.10 -2.12 -25.09
CA TRP B 13 -9.08 -2.03 -24.01
C TRP B 13 -10.50 -2.00 -24.56
#